data_4IAR
#
_entry.id   4IAR
#
_cell.length_a   195.290
_cell.length_b   45.500
_cell.length_c   74.280
_cell.angle_alpha   90.00
_cell.angle_beta   95.45
_cell.angle_gamma   90.00
#
_symmetry.space_group_name_H-M   'C 1 2 1'
#
loop_
_entity.id
_entity.type
_entity.pdbx_description
1 polymer 'Chimera protein of human 5-hydroxytryptamine receptor 1B and E. Coli soluble cytochrome b562'
2 non-polymer Ergotamine
3 non-polymer '(2S)-2,3-dihydroxypropyl (9Z)-octadec-9-enoate'
4 water water
#
_entity_poly.entity_id   1
_entity_poly.type   'polypeptide(L)'
_entity_poly.pdbx_seq_one_letter_code
;GGTCSAKDYIYQDSISLPWKVLLVMLLALITLATTLSNAFVIATVYRTRKLHTPANYLIASLAVTDLLVSILVMPISTMY
TVTGRWTLGQVVCDFWLSSDITCCTASIWHLCVIALDRYWAITDAVEYSAKRTPKRAAVMIALVWVFSISISLPPFFWRQ
AKAEEEVSECVVNTDHILYTVYSTVGAFYFPTLLLIALYGRIYVEARSRIADLEDNWETLNDNLKVIEKADNAAQVKDAL
TKMRAAALDAQKATPPKLEDKSPDSPEMKDFRHGFDILVGQIDDALKLANEGKVKEAQAAAEQLKTTRNAYIQKYLAARE
RKATKTLGIILGAFIVCWLPFFIISLVMPICKDACWFHLAIFDFFTWLGYLNSLINPIIYTMSNEDFKQAFHKLIRFKCT
S
;
_entity_poly.pdbx_strand_id   A
#
loop_
_chem_comp.id
_chem_comp.type
_chem_comp.name
_chem_comp.formula
ERM non-polymer Ergotamine 'C33 H35 N5 O5'
OLB non-polymer '(2S)-2,3-dihydroxypropyl (9Z)-octadec-9-enoate' 'C21 H40 O4'
#
# COMPACT_ATOMS: atom_id res chain seq x y z
N TYR A 9 40.26 14.40 -0.38
CA TYR A 9 39.53 15.58 -0.83
C TYR A 9 38.05 15.52 -0.42
N ILE A 10 37.51 16.64 0.11
CA ILE A 10 36.10 16.76 0.47
C ILE A 10 35.51 17.92 -0.32
N TYR A 11 34.54 17.62 -1.22
CA TYR A 11 33.86 18.62 -2.07
C TYR A 11 33.04 19.60 -1.22
N GLN A 12 32.68 19.17 0.01
CA GLN A 12 31.88 19.91 0.98
C GLN A 12 32.65 21.09 1.56
N ASP A 13 34.01 21.03 1.55
CA ASP A 13 34.92 22.09 2.02
C ASP A 13 34.78 23.37 1.16
N SER A 14 34.29 23.23 -0.09
CA SER A 14 34.08 24.33 -1.03
C SER A 14 32.71 25.03 -0.82
N ILE A 15 31.70 24.32 -0.25
CA ILE A 15 30.35 24.84 0.03
C ILE A 15 30.44 25.98 1.08
N SER A 16 29.83 27.14 0.77
CA SER A 16 29.83 28.32 1.63
C SER A 16 28.98 28.07 2.88
N LEU A 17 29.19 28.91 3.92
CA LEU A 17 28.52 28.90 5.21
C LEU A 17 26.97 29.03 5.03
N PRO A 18 26.41 30.03 4.29
CA PRO A 18 24.93 30.10 4.15
C PRO A 18 24.32 28.86 3.50
N TRP A 19 24.96 28.28 2.47
CA TRP A 19 24.44 27.09 1.79
C TRP A 19 24.60 25.83 2.65
N LYS A 20 25.60 25.83 3.56
CA LYS A 20 25.82 24.70 4.44
C LYS A 20 24.75 24.65 5.54
N VAL A 21 24.43 25.81 6.16
CA VAL A 21 23.40 25.92 7.21
C VAL A 21 21.99 25.63 6.61
N LEU A 22 21.72 26.10 5.38
CA LEU A 22 20.45 25.83 4.67
C LEU A 22 20.30 24.33 4.43
N LEU A 23 21.39 23.67 3.99
CA LEU A 23 21.44 22.22 3.74
C LEU A 23 21.17 21.41 5.00
N VAL A 24 21.62 21.92 6.17
CA VAL A 24 21.40 21.29 7.47
C VAL A 24 19.92 21.44 7.82
N MET A 25 19.34 22.63 7.58
CA MET A 25 17.93 22.94 7.85
C MET A 25 17.00 22.09 6.97
N LEU A 26 17.34 21.89 5.68
CA LEU A 26 16.54 21.11 4.74
C LEU A 26 16.52 19.63 5.14
N LEU A 27 17.68 19.07 5.47
CA LEU A 27 17.89 17.69 5.87
C LEU A 27 17.22 17.39 7.22
N ALA A 28 17.38 18.31 8.19
CA ALA A 28 16.77 18.22 9.52
C ALA A 28 15.23 18.29 9.43
N LEU A 29 14.68 19.08 8.46
CA LEU A 29 13.22 19.14 8.34
C LEU A 29 12.70 17.83 7.68
N ILE A 30 13.41 17.26 6.67
CA ILE A 30 13.03 15.99 6.04
C ILE A 30 12.97 14.89 7.13
N THR A 31 14.01 14.80 7.98
CA THR A 31 14.15 13.82 9.06
C THR A 31 12.98 13.96 10.04
N LEU A 32 12.68 15.21 10.46
CA LEU A 32 11.58 15.50 11.38
C LEU A 32 10.21 15.15 10.74
N ALA A 33 9.97 15.57 9.48
CA ALA A 33 8.74 15.32 8.74
C ALA A 33 8.49 13.82 8.59
N THR A 34 9.56 12.99 8.45
CA THR A 34 9.50 11.53 8.34
C THR A 34 9.08 10.92 9.69
N THR A 35 9.62 11.46 10.79
CA THR A 35 9.37 10.98 12.15
C THR A 35 7.92 11.21 12.51
N LEU A 36 7.42 12.43 12.29
CA LEU A 36 6.05 12.77 12.65
C LEU A 36 5.03 12.10 11.73
N SER A 37 5.30 12.06 10.40
CA SER A 37 4.36 11.44 9.47
C SER A 37 4.17 9.94 9.75
N ASN A 38 5.26 9.24 10.13
CA ASN A 38 5.21 7.83 10.47
C ASN A 38 4.64 7.62 11.86
N ALA A 39 4.92 8.54 12.83
CA ALA A 39 4.35 8.49 14.19
C ALA A 39 2.81 8.54 14.13
N PHE A 40 2.26 9.38 13.21
CA PHE A 40 0.83 9.53 12.96
C PHE A 40 0.23 8.20 12.46
N VAL A 41 0.85 7.58 11.43
CA VAL A 41 0.40 6.31 10.84
C VAL A 41 0.40 5.18 11.89
N ILE A 42 1.41 5.12 12.80
CA ILE A 42 1.49 4.11 13.86
C ILE A 42 0.35 4.31 14.88
N ALA A 43 0.20 5.54 15.38
CA ALA A 43 -0.82 5.90 16.38
C ALA A 43 -2.24 5.68 15.84
N THR A 44 -2.49 6.04 14.56
CA THR A 44 -3.79 5.88 13.91
C THR A 44 -4.20 4.40 13.89
N VAL A 45 -3.27 3.47 13.58
CA VAL A 45 -3.58 2.04 13.57
C VAL A 45 -3.83 1.58 15.03
N TYR A 46 -2.93 1.97 15.95
CA TYR A 46 -3.00 1.61 17.37
C TYR A 46 -4.28 2.09 18.06
N ARG A 47 -4.63 3.39 17.88
CA ARG A 47 -5.79 4.03 18.50
C ARG A 47 -7.13 3.59 17.92
N THR A 48 -7.23 3.41 16.58
CA THR A 48 -8.49 3.05 15.90
C THR A 48 -8.71 1.53 15.88
N ARG A 49 -9.74 1.07 16.63
CA ARG A 49 -10.17 -0.34 16.77
C ARG A 49 -10.62 -0.91 15.42
N LYS A 50 -11.21 -0.04 14.57
CA LYS A 50 -11.68 -0.32 13.21
C LYS A 50 -10.50 -0.75 12.31
N LEU A 51 -9.27 -0.26 12.63
CA LEU A 51 -8.04 -0.55 11.88
C LEU A 51 -7.23 -1.75 12.46
N HIS A 52 -7.77 -2.49 13.45
CA HIS A 52 -7.07 -3.64 14.02
C HIS A 52 -7.30 -4.87 13.13
N THR A 53 -6.58 -4.89 12.00
CA THR A 53 -6.61 -5.97 10.99
C THR A 53 -5.19 -6.26 10.54
N PRO A 54 -4.86 -7.52 10.17
CA PRO A 54 -3.50 -7.83 9.70
C PRO A 54 -2.98 -6.92 8.59
N ALA A 55 -3.83 -6.51 7.63
CA ALA A 55 -3.44 -5.64 6.52
C ALA A 55 -2.95 -4.26 7.01
N ASN A 56 -3.66 -3.63 7.99
CA ASN A 56 -3.27 -2.34 8.55
C ASN A 56 -2.07 -2.50 9.47
N TYR A 57 -1.84 -3.73 9.97
CA TYR A 57 -0.69 -4.01 10.84
C TYR A 57 0.58 -3.93 10.03
N LEU A 58 0.51 -4.35 8.74
CA LEU A 58 1.62 -4.31 7.79
C LEU A 58 1.94 -2.86 7.46
N ILE A 59 0.91 -1.98 7.35
CA ILE A 59 1.09 -0.53 7.15
C ILE A 59 1.82 0.04 8.38
N ALA A 60 1.32 -0.32 9.59
CA ALA A 60 1.86 0.13 10.88
C ALA A 60 3.31 -0.32 11.07
N SER A 61 3.69 -1.56 10.64
CA SER A 61 5.10 -2.01 10.76
C SER A 61 6.00 -1.34 9.73
N LEU A 62 5.45 -0.99 8.54
CA LEU A 62 6.19 -0.24 7.52
C LEU A 62 6.51 1.14 8.06
N ALA A 63 5.55 1.73 8.79
CA ALA A 63 5.65 3.04 9.43
C ALA A 63 6.65 2.98 10.57
N VAL A 64 6.75 1.85 11.29
CA VAL A 64 7.72 1.63 12.37
C VAL A 64 9.14 1.58 11.78
N THR A 65 9.34 0.86 10.64
CA THR A 65 10.67 0.76 10.03
C THR A 65 11.15 2.14 9.59
N ASP A 66 10.25 2.90 8.92
CA ASP A 66 10.52 4.25 8.40
C ASP A 66 10.81 5.24 9.55
N LEU A 67 10.26 4.96 10.76
CA LEU A 67 10.47 5.77 11.96
C LEU A 67 11.88 5.53 12.50
N LEU A 68 12.35 4.25 12.48
CA LEU A 68 13.69 3.87 12.94
C LEU A 68 14.76 4.47 12.03
N VAL A 69 14.50 4.53 10.71
CA VAL A 69 15.37 5.16 9.70
C VAL A 69 15.53 6.64 10.06
N SER A 70 14.42 7.30 10.44
CA SER A 70 14.37 8.70 10.80
C SER A 70 15.01 8.97 12.17
N ILE A 71 15.19 7.94 13.01
CA ILE A 71 15.78 8.16 14.35
C ILE A 71 17.23 7.63 14.40
N LEU A 72 17.46 6.38 13.95
CA LEU A 72 18.77 5.72 13.97
C LEU A 72 19.69 6.09 12.83
N VAL A 73 19.14 6.47 11.64
CA VAL A 73 19.99 6.68 10.47
C VAL A 73 20.05 8.13 9.92
N MET A 74 18.90 8.80 9.70
CA MET A 74 18.87 10.12 9.08
C MET A 74 19.50 11.28 9.90
N PRO A 75 19.28 11.46 11.24
CA PRO A 75 19.87 12.64 11.90
C PRO A 75 21.40 12.64 11.90
N ILE A 76 21.98 11.49 12.23
CA ILE A 76 23.41 11.18 12.30
C ILE A 76 24.04 11.18 10.86
N SER A 77 23.20 11.17 9.80
CA SER A 77 23.60 11.22 8.38
C SER A 77 23.69 12.67 7.86
N THR A 78 22.76 13.56 8.30
CA THR A 78 22.68 14.98 7.87
C THR A 78 24.02 15.70 8.03
N MET A 79 24.69 15.46 9.17
CA MET A 79 25.98 16.07 9.47
C MET A 79 27.08 15.48 8.61
N TYR A 80 27.12 14.14 8.45
CA TYR A 80 28.09 13.44 7.62
C TYR A 80 27.97 13.83 6.13
N THR A 81 26.74 14.08 5.64
CA THR A 81 26.46 14.47 4.26
C THR A 81 26.89 15.92 3.97
N VAL A 82 26.72 16.81 4.96
CA VAL A 82 27.03 18.24 4.82
C VAL A 82 28.54 18.48 5.09
N THR A 83 29.12 17.84 6.13
CA THR A 83 30.54 18.05 6.47
C THR A 83 31.45 17.20 5.57
N GLY A 84 31.13 15.91 5.43
CA GLY A 84 31.89 14.96 4.64
C GLY A 84 32.97 14.23 5.43
N ARG A 85 32.95 14.37 6.76
CA ARG A 85 33.94 13.72 7.63
C ARG A 85 33.26 13.07 8.83
N TRP A 86 33.73 11.87 9.21
CA TRP A 86 33.21 11.10 10.34
C TRP A 86 33.95 11.49 11.62
N THR A 87 33.17 11.84 12.67
CA THR A 87 33.75 12.31 13.94
C THR A 87 33.17 11.56 15.16
N LEU A 88 32.34 10.51 14.95
CA LEU A 88 31.72 9.77 16.04
C LEU A 88 32.43 8.44 16.45
N GLY A 89 33.58 8.16 15.87
CA GLY A 89 34.34 6.95 16.19
C GLY A 89 33.90 5.71 15.43
N GLN A 90 34.71 4.62 15.53
CA GLN A 90 34.50 3.36 14.83
C GLN A 90 33.25 2.57 15.31
N VAL A 91 33.02 2.45 16.64
CA VAL A 91 31.90 1.69 17.23
C VAL A 91 30.52 2.23 16.74
N VAL A 92 30.28 3.56 16.84
CA VAL A 92 29.05 4.24 16.40
C VAL A 92 28.92 4.10 14.87
N CYS A 93 30.06 4.12 14.13
CA CYS A 93 30.11 3.93 12.69
C CYS A 93 29.57 2.53 12.31
N ASP A 94 29.98 1.49 13.08
CA ASP A 94 29.56 0.09 12.88
C ASP A 94 28.06 -0.07 13.01
N PHE A 95 27.46 0.51 14.07
CA PHE A 95 26.03 0.43 14.33
C PHE A 95 25.22 1.27 13.34
N TRP A 96 25.74 2.47 12.96
CA TRP A 96 25.06 3.37 12.01
C TRP A 96 24.93 2.76 10.61
N LEU A 97 26.03 2.14 10.07
CA LEU A 97 26.05 1.50 8.75
C LEU A 97 25.13 0.31 8.71
N SER A 98 25.16 -0.53 9.77
CA SER A 98 24.32 -1.71 9.86
C SER A 98 22.84 -1.34 10.04
N SER A 99 22.51 -0.32 10.87
CA SER A 99 21.11 0.12 11.05
C SER A 99 20.60 0.80 9.77
N ASP A 100 21.52 1.31 8.91
CA ASP A 100 21.18 1.88 7.60
C ASP A 100 20.82 0.75 6.64
N ILE A 101 21.64 -0.32 6.59
CA ILE A 101 21.38 -1.46 5.72
C ILE A 101 20.12 -2.21 6.19
N THR A 102 20.03 -2.56 7.50
CA THR A 102 18.92 -3.35 8.05
C THR A 102 17.54 -2.69 7.94
N CYS A 103 17.41 -1.41 8.34
CA CYS A 103 16.11 -0.75 8.32
C CYS A 103 15.65 -0.44 6.89
N CYS A 104 16.58 -0.03 5.99
CA CYS A 104 16.21 0.25 4.60
C CYS A 104 15.79 -1.04 3.89
N THR A 105 16.47 -2.18 4.15
CA THR A 105 16.10 -3.47 3.57
C THR A 105 14.71 -3.87 4.13
N ALA A 106 14.46 -3.68 5.46
CA ALA A 106 13.17 -3.95 6.11
C ALA A 106 12.07 -3.07 5.48
N SER A 107 12.40 -1.81 5.16
CA SER A 107 11.49 -0.84 4.52
C SER A 107 11.05 -1.32 3.14
N ILE A 108 12.00 -1.80 2.31
CA ILE A 108 11.77 -2.30 0.95
C ILE A 108 10.95 -3.60 0.97
N TRP A 109 11.33 -4.54 1.86
CA TRP A 109 10.70 -5.85 1.96
C TRP A 109 9.28 -5.80 2.57
N HIS A 110 8.94 -4.69 3.27
CA HIS A 110 7.62 -4.46 3.85
C HIS A 110 6.63 -4.18 2.74
N LEU A 111 7.11 -3.45 1.71
CA LEU A 111 6.38 -3.10 0.51
C LEU A 111 5.93 -4.34 -0.26
N CYS A 112 6.84 -5.34 -0.50
CA CYS A 112 6.40 -6.54 -1.22
C CYS A 112 5.55 -7.45 -0.31
N VAL A 113 5.73 -7.42 1.02
CA VAL A 113 4.90 -8.21 1.95
C VAL A 113 3.43 -7.63 1.95
N ILE A 114 3.29 -6.29 1.78
CA ILE A 114 2.01 -5.57 1.65
C ILE A 114 1.38 -5.99 0.30
N ALA A 115 2.22 -6.06 -0.76
CA ALA A 115 1.80 -6.45 -2.10
C ALA A 115 1.39 -7.93 -2.15
N LEU A 116 2.17 -8.83 -1.48
CA LEU A 116 1.86 -10.26 -1.38
C LEU A 116 0.50 -10.45 -0.79
N ASP A 117 0.20 -9.69 0.30
CA ASP A 117 -1.05 -9.69 1.03
C ASP A 117 -2.20 -9.22 0.13
N ARG A 118 -1.99 -8.14 -0.66
CA ARG A 118 -2.99 -7.63 -1.61
C ARG A 118 -3.22 -8.61 -2.77
N TYR A 119 -2.13 -9.21 -3.31
CA TYR A 119 -2.14 -10.19 -4.40
C TYR A 119 -3.00 -11.39 -3.99
N TRP A 120 -2.70 -12.03 -2.85
CA TRP A 120 -3.46 -13.19 -2.34
C TRP A 120 -4.94 -12.86 -2.08
N ALA A 121 -5.22 -11.63 -1.62
CA ALA A 121 -6.57 -11.14 -1.30
C ALA A 121 -7.42 -10.94 -2.56
N ILE A 122 -6.83 -10.49 -3.67
CA ILE A 122 -7.55 -10.25 -4.94
C ILE A 122 -7.49 -11.48 -5.89
N THR A 123 -6.50 -12.39 -5.71
CA THR A 123 -6.27 -13.55 -6.59
C THR A 123 -6.79 -14.88 -5.98
N ASP A 124 -6.96 -14.96 -4.63
CA ASP A 124 -7.36 -16.20 -3.94
C ASP A 124 -8.20 -15.91 -2.68
N ALA A 125 -9.18 -15.00 -2.79
CA ALA A 125 -10.05 -14.49 -1.72
C ALA A 125 -10.64 -15.54 -0.73
N VAL A 126 -11.15 -16.68 -1.23
CA VAL A 126 -11.75 -17.67 -0.31
C VAL A 126 -10.69 -18.40 0.50
N GLU A 127 -9.67 -18.99 -0.17
CA GLU A 127 -8.60 -19.74 0.48
C GLU A 127 -7.76 -18.84 1.41
N TYR A 128 -7.54 -17.56 1.04
CA TYR A 128 -6.75 -16.63 1.81
C TYR A 128 -7.48 -16.00 3.01
N SER A 129 -8.81 -15.78 2.94
CA SER A 129 -9.60 -15.20 4.05
C SER A 129 -9.31 -15.89 5.39
N ALA A 130 -9.22 -17.24 5.38
CA ALA A 130 -8.94 -18.11 6.53
C ALA A 130 -7.47 -18.04 7.01
N LYS A 131 -6.55 -17.62 6.14
CA LYS A 131 -5.11 -17.54 6.44
C LYS A 131 -4.63 -16.12 6.85
N ARG A 132 -5.34 -15.05 6.39
CA ARG A 132 -5.01 -13.64 6.64
C ARG A 132 -5.31 -13.28 8.13
N THR A 133 -4.38 -13.63 9.03
CA THR A 133 -4.50 -13.42 10.49
C THR A 133 -3.35 -12.56 11.07
N PRO A 134 -3.52 -11.93 12.28
CA PRO A 134 -2.42 -11.14 12.87
C PRO A 134 -1.19 -11.98 13.23
N LYS A 135 -1.36 -13.31 13.46
CA LYS A 135 -0.25 -14.23 13.74
C LYS A 135 0.58 -14.37 12.47
N ARG A 136 -0.11 -14.58 11.30
CA ARG A 136 0.48 -14.67 9.96
C ARG A 136 1.28 -13.39 9.65
N ALA A 137 0.72 -12.21 9.97
CA ALA A 137 1.33 -10.90 9.75
C ALA A 137 2.62 -10.75 10.56
N ALA A 138 2.63 -11.23 11.82
CA ALA A 138 3.79 -11.18 12.71
C ALA A 138 4.93 -12.04 12.20
N VAL A 139 4.63 -13.29 11.79
CA VAL A 139 5.60 -14.27 11.28
C VAL A 139 6.29 -13.71 10.02
N MET A 140 5.52 -13.06 9.12
CA MET A 140 6.05 -12.45 7.92
C MET A 140 6.93 -11.23 8.24
N ILE A 141 6.57 -10.45 9.27
CA ILE A 141 7.32 -9.26 9.71
C ILE A 141 8.65 -9.69 10.33
N ALA A 142 8.64 -10.75 11.18
CA ALA A 142 9.84 -11.28 11.82
C ALA A 142 10.84 -11.76 10.77
N LEU A 143 10.36 -12.52 9.77
CA LEU A 143 11.16 -13.02 8.65
C LEU A 143 11.86 -11.87 7.91
N VAL A 144 11.14 -10.75 7.67
CA VAL A 144 11.66 -9.56 6.98
C VAL A 144 12.82 -8.97 7.79
N TRP A 145 12.67 -8.87 9.12
CA TRP A 145 13.70 -8.32 10.02
C TRP A 145 14.88 -9.25 10.18
N VAL A 146 14.66 -10.58 10.24
CA VAL A 146 15.71 -11.61 10.34
C VAL A 146 16.52 -11.58 9.03
N PHE A 147 15.85 -11.45 7.88
CA PHE A 147 16.49 -11.35 6.57
C PHE A 147 17.24 -10.03 6.44
N SER A 148 16.69 -8.95 7.03
CA SER A 148 17.29 -7.62 7.01
C SER A 148 18.61 -7.59 7.79
N ILE A 149 18.64 -8.14 9.01
CA ILE A 149 19.84 -8.19 9.87
C ILE A 149 20.88 -9.12 9.23
N SER A 150 20.45 -10.20 8.55
CA SER A 150 21.32 -11.17 7.89
C SER A 150 22.10 -10.55 6.72
N ILE A 151 21.56 -9.47 6.10
CA ILE A 151 22.20 -8.78 4.96
C ILE A 151 23.38 -7.93 5.46
N SER A 152 23.20 -7.24 6.59
CA SER A 152 24.24 -6.35 7.14
C SER A 152 25.27 -7.07 8.03
N LEU A 153 25.00 -8.31 8.45
CA LEU A 153 25.89 -9.05 9.34
C LEU A 153 27.18 -9.56 8.65
N PRO A 154 27.19 -10.07 7.38
CA PRO A 154 28.45 -10.53 6.79
C PRO A 154 29.58 -9.48 6.66
N PRO A 155 29.39 -8.17 6.33
CA PRO A 155 30.56 -7.27 6.21
C PRO A 155 31.19 -6.91 7.57
N PHE A 156 31.54 -7.95 8.34
CA PHE A 156 32.19 -7.82 9.62
C PHE A 156 33.59 -8.44 9.52
N PHE A 157 34.18 -8.34 8.31
CA PHE A 157 35.54 -8.79 8.00
C PHE A 157 36.58 -7.69 8.32
N TRP A 158 36.13 -6.56 8.95
CA TRP A 158 36.94 -5.38 9.29
C TRP A 158 38.01 -5.67 10.38
N ARG A 159 38.95 -6.59 10.06
CA ARG A 159 40.06 -6.96 10.95
C ARG A 159 41.18 -5.91 10.80
N GLN A 160 40.90 -4.67 11.23
CA GLN A 160 41.81 -3.53 11.17
C GLN A 160 41.57 -2.55 12.33
N ALA A 161 40.31 -2.45 12.80
CA ALA A 161 39.91 -1.58 13.91
C ALA A 161 39.14 -2.34 14.98
N SER A 168 37.83 9.07 10.30
CA SER A 168 37.55 10.18 9.40
C SER A 168 36.54 9.81 8.30
N GLU A 169 36.48 8.51 7.92
CA GLU A 169 35.57 7.99 6.90
C GLU A 169 34.78 6.82 7.43
N CYS A 170 33.49 6.78 7.09
CA CYS A 170 32.57 5.72 7.51
C CYS A 170 31.75 5.24 6.29
N VAL A 171 32.17 4.11 5.72
CA VAL A 171 31.58 3.48 4.52
C VAL A 171 31.53 1.95 4.72
N VAL A 172 30.53 1.27 4.10
CA VAL A 172 30.39 -0.19 4.26
C VAL A 172 31.50 -0.92 3.48
N ASN A 173 31.94 -2.08 4.02
CA ASN A 173 32.99 -2.92 3.44
C ASN A 173 32.64 -3.31 2.01
N THR A 174 33.53 -2.95 1.09
CA THR A 174 33.43 -3.13 -0.36
C THR A 174 34.53 -4.11 -0.87
N ASP A 175 35.16 -4.88 0.06
CA ASP A 175 36.24 -5.84 -0.23
C ASP A 175 35.77 -7.04 -1.06
N HIS A 176 34.64 -7.66 -0.68
CA HIS A 176 34.10 -8.85 -1.35
C HIS A 176 32.98 -8.47 -2.34
N ILE A 177 33.29 -8.57 -3.66
CA ILE A 177 32.38 -8.24 -4.77
C ILE A 177 31.11 -9.14 -4.75
N LEU A 178 31.28 -10.41 -4.33
CA LEU A 178 30.24 -11.43 -4.24
C LEU A 178 29.19 -11.04 -3.20
N TYR A 179 29.60 -10.52 -2.03
CA TYR A 179 28.63 -10.09 -1.02
C TYR A 179 27.99 -8.77 -1.49
N THR A 180 28.80 -7.81 -1.97
CA THR A 180 28.36 -6.51 -2.49
C THR A 180 27.18 -6.70 -3.46
N VAL A 181 27.28 -7.65 -4.41
CA VAL A 181 26.20 -7.88 -5.34
C VAL A 181 25.05 -8.66 -4.64
N TYR A 182 25.36 -9.66 -3.76
CA TYR A 182 24.30 -10.40 -3.05
C TYR A 182 23.45 -9.43 -2.21
N SER A 183 24.08 -8.46 -1.54
CA SER A 183 23.41 -7.48 -0.71
C SER A 183 22.48 -6.58 -1.55
N THR A 184 22.93 -6.20 -2.77
CA THR A 184 22.19 -5.32 -3.69
C THR A 184 20.98 -6.09 -4.31
N VAL A 185 21.14 -7.40 -4.55
CA VAL A 185 20.11 -8.26 -5.13
C VAL A 185 19.08 -8.62 -4.05
N GLY A 186 19.57 -9.12 -2.91
CA GLY A 186 18.74 -9.55 -1.79
C GLY A 186 17.90 -8.43 -1.21
N ALA A 187 18.46 -7.20 -1.21
CA ALA A 187 17.81 -6.00 -0.67
C ALA A 187 17.00 -5.21 -1.69
N PHE A 188 17.39 -5.17 -2.98
CA PHE A 188 16.63 -4.36 -3.93
C PHE A 188 16.14 -5.11 -5.17
N TYR A 189 17.05 -5.62 -6.01
CA TYR A 189 16.69 -6.25 -7.29
C TYR A 189 15.73 -7.43 -7.15
N PHE A 190 15.88 -8.27 -6.10
CA PHE A 190 14.92 -9.36 -5.90
C PHE A 190 13.55 -8.71 -5.50
N PRO A 191 13.42 -7.85 -4.44
CA PRO A 191 12.12 -7.22 -4.16
C PRO A 191 11.48 -6.43 -5.31
N THR A 192 12.23 -5.72 -6.19
CA THR A 192 11.57 -4.97 -7.28
C THR A 192 10.97 -5.91 -8.32
N LEU A 193 11.72 -6.96 -8.72
CA LEU A 193 11.22 -7.95 -9.68
C LEU A 193 9.94 -8.64 -9.15
N LEU A 194 9.89 -8.87 -7.83
CA LEU A 194 8.75 -9.48 -7.16
C LEU A 194 7.55 -8.51 -7.21
N LEU A 195 7.80 -7.21 -6.96
CA LEU A 195 6.79 -6.16 -6.97
C LEU A 195 6.22 -5.93 -8.36
N ILE A 196 7.05 -5.91 -9.40
CA ILE A 196 6.59 -5.74 -10.78
C ILE A 196 5.63 -6.91 -11.11
N ALA A 197 6.05 -8.17 -10.84
CA ALA A 197 5.27 -9.39 -11.05
C ALA A 197 3.95 -9.36 -10.23
N LEU A 198 4.04 -8.93 -8.96
CA LEU A 198 2.92 -8.81 -8.05
C LEU A 198 1.93 -7.75 -8.54
N TYR A 199 2.44 -6.55 -8.93
CA TYR A 199 1.59 -5.47 -9.44
C TYR A 199 0.90 -5.85 -10.74
N GLY A 200 1.63 -6.55 -11.62
CA GLY A 200 1.14 -7.02 -12.90
C GLY A 200 -0.10 -7.89 -12.76
N ARG A 201 -0.01 -8.90 -11.86
CA ARG A 201 -1.09 -9.84 -11.57
C ARG A 201 -2.27 -9.11 -10.93
N ILE A 202 -1.98 -8.16 -10.00
CA ILE A 202 -3.00 -7.37 -9.29
C ILE A 202 -3.77 -6.49 -10.29
N TYR A 203 -3.04 -5.73 -11.15
CA TYR A 203 -3.58 -4.83 -12.18
C TYR A 203 -4.52 -5.58 -13.11
N VAL A 204 -4.09 -6.75 -13.62
CA VAL A 204 -4.85 -7.61 -14.54
C VAL A 204 -6.07 -8.18 -13.81
N GLU A 205 -5.95 -8.53 -12.49
CA GLU A 205 -7.06 -9.07 -11.72
C GLU A 205 -8.18 -8.06 -11.57
N ALA A 206 -7.85 -6.84 -11.12
CA ALA A 206 -8.79 -5.74 -10.94
C ALA A 206 -9.49 -5.34 -12.27
N ARG A 207 -8.75 -5.33 -13.40
CA ARG A 207 -9.23 -4.99 -14.74
C ARG A 207 -10.35 -5.93 -15.18
N SER A 208 -10.15 -7.24 -15.00
CA SER A 208 -11.15 -8.26 -15.35
C SER A 208 -12.30 -8.29 -14.32
N ARG A 209 -12.02 -7.90 -13.07
CA ARG A 209 -13.02 -7.85 -12.01
C ARG A 209 -13.98 -6.69 -12.21
N ILE A 210 -13.49 -5.53 -12.69
CA ILE A 210 -14.42 -4.42 -12.97
C ILE A 210 -15.10 -4.66 -14.35
N ALA A 211 -14.44 -5.36 -15.30
CA ALA A 211 -15.01 -5.69 -16.62
C ALA A 211 -16.20 -6.66 -16.47
N ASP A 212 -16.17 -7.50 -15.41
CA ASP A 212 -17.24 -8.42 -15.06
C ASP A 212 -18.32 -7.65 -14.30
N LEU A 213 -17.89 -6.72 -13.42
CA LEU A 213 -18.79 -5.86 -12.65
C LEU A 213 -19.63 -4.99 -13.59
N GLU A 214 -19.02 -4.48 -14.69
CA GLU A 214 -19.68 -3.65 -15.70
C GLU A 214 -20.80 -4.43 -16.38
N ASP A 215 -20.54 -5.70 -16.75
CA ASP A 215 -21.49 -6.59 -17.41
C ASP A 215 -22.66 -6.97 -16.49
N ASN A 216 -22.37 -7.30 -15.21
CA ASN A 216 -23.38 -7.69 -14.20
C ASN A 216 -24.26 -6.50 -13.85
N TRP A 217 -23.67 -5.28 -13.85
CA TRP A 217 -24.38 -4.03 -13.60
C TRP A 217 -25.34 -3.74 -14.75
N GLU A 218 -24.87 -3.95 -16.01
CA GLU A 218 -25.67 -3.75 -17.21
C GLU A 218 -26.82 -4.77 -17.29
N THR A 219 -26.55 -6.03 -16.91
CA THR A 219 -27.54 -7.11 -16.87
C THR A 219 -28.64 -6.75 -15.84
N LEU A 220 -28.25 -6.14 -14.70
CA LEU A 220 -29.12 -5.67 -13.61
C LEU A 220 -30.02 -4.53 -14.11
N ASN A 221 -29.45 -3.57 -14.88
CA ASN A 221 -30.17 -2.41 -15.40
C ASN A 221 -31.14 -2.80 -16.49
N ASP A 222 -30.70 -3.64 -17.44
CA ASP A 222 -31.51 -4.07 -18.58
C ASP A 222 -32.66 -4.95 -18.13
N ASN A 223 -32.44 -5.91 -17.22
CA ASN A 223 -33.52 -6.80 -16.71
C ASN A 223 -34.54 -6.00 -15.89
N LEU A 224 -34.10 -4.89 -15.26
CA LEU A 224 -34.93 -3.97 -14.48
C LEU A 224 -35.88 -3.20 -15.43
N LYS A 225 -35.44 -2.95 -16.68
CA LYS A 225 -36.24 -2.27 -17.69
C LYS A 225 -37.36 -3.21 -18.19
N VAL A 226 -37.01 -4.52 -18.35
CA VAL A 226 -37.85 -5.62 -18.85
C VAL A 226 -39.08 -5.81 -17.95
N ILE A 227 -38.89 -5.88 -16.62
CA ILE A 227 -39.99 -6.04 -15.63
C ILE A 227 -41.04 -4.94 -15.85
N GLU A 228 -40.61 -3.68 -16.07
CA GLU A 228 -41.50 -2.53 -16.31
C GLU A 228 -42.30 -2.70 -17.62
N LYS A 229 -41.62 -3.11 -18.71
CA LYS A 229 -42.24 -3.25 -20.04
C LYS A 229 -42.73 -4.69 -20.33
N ALA A 230 -42.81 -5.55 -19.29
CA ALA A 230 -43.25 -6.94 -19.43
C ALA A 230 -44.71 -7.04 -19.87
N ASP A 231 -45.00 -8.09 -20.66
CA ASP A 231 -46.29 -8.46 -21.24
C ASP A 231 -46.91 -9.68 -20.55
N ASN A 232 -46.07 -10.59 -20.03
CA ASN A 232 -46.46 -11.84 -19.37
C ASN A 232 -45.98 -11.90 -17.94
N ALA A 233 -46.57 -12.80 -17.13
CA ALA A 233 -46.13 -13.07 -15.77
C ALA A 233 -44.76 -13.80 -15.80
N ALA A 234 -44.58 -14.71 -16.77
CA ALA A 234 -43.36 -15.49 -16.95
C ALA A 234 -42.19 -14.61 -17.33
N GLN A 235 -42.47 -13.49 -18.03
CA GLN A 235 -41.49 -12.51 -18.46
C GLN A 235 -40.93 -11.75 -17.24
N VAL A 236 -41.84 -11.32 -16.30
CA VAL A 236 -41.56 -10.63 -15.04
C VAL A 236 -40.70 -11.54 -14.16
N LYS A 237 -41.19 -12.77 -13.91
CA LYS A 237 -40.56 -13.79 -13.07
C LYS A 237 -39.12 -14.12 -13.56
N ASP A 238 -38.91 -14.26 -14.89
CA ASP A 238 -37.60 -14.59 -15.47
C ASP A 238 -36.58 -13.44 -15.30
N ALA A 239 -36.98 -12.20 -15.65
CA ALA A 239 -36.14 -11.00 -15.53
C ALA A 239 -35.73 -10.75 -14.08
N LEU A 240 -36.56 -11.17 -13.11
CA LEU A 240 -36.26 -11.06 -11.68
C LEU A 240 -35.17 -12.05 -11.26
N THR A 241 -35.25 -13.34 -11.68
CA THR A 241 -34.23 -14.35 -11.33
C THR A 241 -32.87 -14.01 -11.97
N LYS A 242 -32.90 -13.45 -13.22
CA LYS A 242 -31.71 -13.00 -13.96
C LYS A 242 -31.08 -11.81 -13.24
N MET A 243 -31.92 -10.89 -12.75
CA MET A 243 -31.54 -9.71 -11.99
C MET A 243 -30.90 -10.15 -10.66
N ARG A 244 -31.52 -11.17 -10.00
CA ARG A 244 -31.08 -11.80 -8.73
C ARG A 244 -29.65 -12.32 -8.91
N ALA A 245 -29.40 -13.13 -9.97
CA ALA A 245 -28.09 -13.73 -10.31
C ALA A 245 -26.98 -12.67 -10.60
N ALA A 246 -27.32 -11.60 -11.38
CA ALA A 246 -26.41 -10.52 -11.76
C ALA A 246 -25.98 -9.71 -10.54
N ALA A 247 -26.91 -9.43 -9.62
CA ALA A 247 -26.64 -8.69 -8.38
C ALA A 247 -25.56 -9.41 -7.52
N LEU A 248 -25.72 -10.74 -7.32
CA LEU A 248 -24.79 -11.55 -6.53
C LEU A 248 -23.47 -11.76 -7.27
N ASP A 249 -23.50 -11.71 -8.62
CA ASP A 249 -22.30 -11.81 -9.45
C ASP A 249 -21.53 -10.47 -9.39
N ALA A 250 -22.26 -9.33 -9.40
CA ALA A 250 -21.70 -7.97 -9.28
C ALA A 250 -21.01 -7.83 -7.92
N GLN A 251 -21.65 -8.40 -6.87
CA GLN A 251 -21.19 -8.43 -5.49
C GLN A 251 -19.84 -9.18 -5.34
N LYS A 252 -19.59 -10.24 -6.12
CA LYS A 252 -18.33 -10.98 -6.05
C LYS A 252 -17.27 -10.33 -6.95
N ALA A 253 -17.71 -9.72 -8.07
CA ALA A 253 -16.85 -9.06 -9.06
C ALA A 253 -16.17 -7.83 -8.50
N THR A 254 -16.89 -7.02 -7.68
CA THR A 254 -16.39 -5.77 -7.08
C THR A 254 -15.06 -6.04 -6.29
N PRO A 255 -13.92 -5.48 -6.80
CA PRO A 255 -12.63 -5.74 -6.13
C PRO A 255 -12.54 -5.12 -4.72
N PRO A 256 -11.60 -5.62 -3.85
CA PRO A 256 -11.48 -5.05 -2.50
C PRO A 256 -11.04 -3.59 -2.53
N LYS A 257 -11.53 -2.83 -1.54
CA LYS A 257 -11.23 -1.43 -1.35
C LYS A 257 -9.80 -1.28 -0.81
N LEU A 258 -9.26 -0.04 -0.85
CA LEU A 258 -7.94 0.24 -0.33
C LEU A 258 -8.00 0.18 1.19
N GLU A 259 -9.09 0.72 1.76
CA GLU A 259 -9.34 0.77 3.19
C GLU A 259 -9.73 -0.61 3.72
N ASP A 260 -9.05 -1.07 4.80
CA ASP A 260 -9.34 -2.36 5.43
C ASP A 260 -9.91 -2.16 6.85
N LYS A 261 -11.16 -2.61 7.06
CA LYS A 261 -11.89 -2.52 8.33
C LYS A 261 -12.05 -3.92 8.94
N SER A 262 -12.15 -4.00 10.27
CA SER A 262 -12.35 -5.26 11.01
C SER A 262 -13.76 -5.80 10.71
N PRO A 263 -14.01 -7.14 10.71
CA PRO A 263 -15.36 -7.65 10.39
C PRO A 263 -16.46 -7.09 11.32
N ASP A 264 -16.13 -6.85 12.61
CA ASP A 264 -17.01 -6.29 13.62
C ASP A 264 -17.01 -4.75 13.53
N SER A 265 -17.71 -4.21 12.51
CA SER A 265 -17.86 -2.78 12.23
C SER A 265 -19.06 -2.54 11.28
N PRO A 266 -19.93 -1.52 11.54
CA PRO A 266 -21.11 -1.30 10.66
C PRO A 266 -20.75 -0.90 9.22
N GLU A 267 -21.23 -1.70 8.24
CA GLU A 267 -20.98 -1.49 6.81
C GLU A 267 -22.21 -0.89 6.10
N MET A 268 -22.53 0.37 6.44
CA MET A 268 -23.63 1.15 5.88
C MET A 268 -23.11 1.94 4.67
N LYS A 269 -23.96 2.09 3.62
CA LYS A 269 -23.69 2.81 2.36
C LYS A 269 -22.52 2.16 1.58
N ASP A 270 -22.17 0.91 1.96
CA ASP A 270 -21.13 0.09 1.35
C ASP A 270 -21.72 -0.50 0.06
N PHE A 271 -21.00 -0.38 -1.07
CA PHE A 271 -21.44 -0.85 -2.39
C PHE A 271 -21.83 -2.33 -2.39
N ARG A 272 -21.02 -3.18 -1.71
CA ARG A 272 -21.25 -4.63 -1.62
C ARG A 272 -22.51 -4.96 -0.81
N HIS A 273 -22.93 -4.06 0.11
CA HIS A 273 -24.12 -4.20 0.94
C HIS A 273 -25.39 -3.87 0.14
N GLY A 274 -25.26 -2.97 -0.83
CA GLY A 274 -26.33 -2.53 -1.73
C GLY A 274 -26.97 -3.68 -2.45
N PHE A 275 -26.16 -4.66 -2.86
CA PHE A 275 -26.61 -5.87 -3.52
C PHE A 275 -27.34 -6.78 -2.54
N ASP A 276 -26.97 -6.77 -1.23
CA ASP A 276 -27.62 -7.59 -0.21
C ASP A 276 -29.07 -7.14 0.02
N ILE A 277 -29.30 -5.81 0.12
CA ILE A 277 -30.64 -5.27 0.31
C ILE A 277 -31.44 -5.42 -1.00
N LEU A 278 -30.76 -5.24 -2.15
CA LEU A 278 -31.32 -5.35 -3.50
C LEU A 278 -31.80 -6.79 -3.76
N VAL A 279 -31.01 -7.80 -3.34
CA VAL A 279 -31.34 -9.22 -3.48
C VAL A 279 -32.58 -9.54 -2.60
N GLY A 280 -32.63 -8.93 -1.41
CA GLY A 280 -33.72 -9.05 -0.46
C GLY A 280 -35.02 -8.56 -1.04
N GLN A 281 -34.95 -7.46 -1.82
CA GLN A 281 -36.08 -6.85 -2.52
C GLN A 281 -36.53 -7.74 -3.70
N ILE A 282 -35.56 -8.26 -4.48
CA ILE A 282 -35.81 -9.15 -5.63
C ILE A 282 -36.54 -10.42 -5.12
N ASP A 283 -36.13 -10.94 -3.94
CA ASP A 283 -36.76 -12.13 -3.33
C ASP A 283 -38.19 -11.83 -2.87
N ASP A 284 -38.41 -10.61 -2.29
CA ASP A 284 -39.70 -10.12 -1.82
C ASP A 284 -40.68 -9.98 -3.02
N ALA A 285 -40.18 -9.52 -4.19
CA ALA A 285 -40.96 -9.35 -5.43
C ALA A 285 -41.32 -10.71 -6.05
N LEU A 286 -40.38 -11.69 -6.05
CA LEU A 286 -40.58 -13.04 -6.59
C LEU A 286 -41.64 -13.81 -5.77
N LYS A 287 -41.74 -13.52 -4.45
CA LYS A 287 -42.71 -14.12 -3.52
C LYS A 287 -44.13 -13.76 -3.99
N LEU A 288 -44.38 -12.47 -4.31
CA LEU A 288 -45.66 -11.96 -4.83
C LEU A 288 -45.96 -12.57 -6.19
N ALA A 289 -44.92 -12.75 -7.03
CA ALA A 289 -45.05 -13.37 -8.35
C ALA A 289 -45.46 -14.84 -8.21
N ASN A 290 -44.89 -15.54 -7.20
CA ASN A 290 -45.22 -16.94 -6.91
C ASN A 290 -46.59 -17.06 -6.20
N GLU A 291 -47.04 -15.97 -5.56
CA GLU A 291 -48.34 -15.85 -4.89
C GLU A 291 -49.42 -15.66 -5.97
N GLY A 292 -49.08 -14.94 -7.04
CA GLY A 292 -49.95 -14.63 -8.16
C GLY A 292 -50.20 -13.15 -8.37
N LYS A 293 -49.64 -12.30 -7.49
CA LYS A 293 -49.77 -10.84 -7.52
C LYS A 293 -48.60 -10.21 -8.33
N VAL A 294 -48.66 -10.39 -9.67
CA VAL A 294 -47.71 -9.94 -10.69
C VAL A 294 -47.69 -8.41 -10.83
N LYS A 295 -48.87 -7.76 -10.74
CA LYS A 295 -48.99 -6.31 -10.82
C LYS A 295 -48.19 -5.67 -9.67
N GLU A 296 -48.28 -6.31 -8.49
CA GLU A 296 -47.56 -5.94 -7.26
C GLU A 296 -46.06 -6.21 -7.43
N ALA A 297 -45.69 -7.33 -8.09
CA ALA A 297 -44.31 -7.71 -8.37
C ALA A 297 -43.66 -6.71 -9.34
N GLN A 298 -44.44 -6.21 -10.31
CA GLN A 298 -44.02 -5.20 -11.28
C GLN A 298 -43.82 -3.85 -10.58
N ALA A 299 -44.68 -3.53 -9.60
CA ALA A 299 -44.66 -2.29 -8.80
C ALA A 299 -43.46 -2.24 -7.87
N ALA A 300 -42.86 -3.42 -7.58
CA ALA A 300 -41.68 -3.56 -6.73
C ALA A 300 -40.43 -3.05 -7.45
N ALA A 301 -40.51 -2.85 -8.79
CA ALA A 301 -39.42 -2.33 -9.62
C ALA A 301 -39.15 -0.85 -9.34
N GLU A 302 -40.15 -0.12 -8.80
CA GLU A 302 -40.03 1.30 -8.45
C GLU A 302 -39.08 1.46 -7.26
N GLN A 303 -39.06 0.46 -6.36
CA GLN A 303 -38.20 0.39 -5.18
C GLN A 303 -36.79 -0.01 -5.61
N LEU A 304 -36.70 -0.99 -6.55
CA LEU A 304 -35.46 -1.51 -7.14
C LEU A 304 -34.71 -0.40 -7.89
N LYS A 305 -35.48 0.43 -8.61
CA LYS A 305 -34.99 1.58 -9.37
C LYS A 305 -34.29 2.59 -8.45
N THR A 306 -34.90 2.91 -7.29
CA THR A 306 -34.35 3.88 -6.33
C THR A 306 -33.12 3.31 -5.59
N THR A 307 -33.14 1.99 -5.23
CA THR A 307 -32.03 1.33 -4.55
C THR A 307 -30.81 1.36 -5.48
N ARG A 308 -30.99 0.97 -6.76
CA ARG A 308 -29.95 1.01 -7.79
C ARG A 308 -29.42 2.44 -7.93
N ASN A 309 -30.35 3.42 -7.98
CA ASN A 309 -30.03 4.84 -8.13
C ASN A 309 -29.19 5.37 -6.97
N ALA A 310 -29.31 4.75 -5.78
CA ALA A 310 -28.56 5.16 -4.59
C ALA A 310 -27.13 4.57 -4.58
N TYR A 311 -26.83 3.61 -5.46
CA TYR A 311 -25.51 2.98 -5.49
C TYR A 311 -24.71 3.26 -6.78
N ILE A 312 -25.22 4.14 -7.67
CA ILE A 312 -24.55 4.53 -8.92
C ILE A 312 -23.18 5.16 -8.60
N GLN A 313 -23.15 6.12 -7.66
CA GLN A 313 -21.96 6.86 -7.20
C GLN A 313 -20.94 5.89 -6.59
N LYS A 314 -21.39 4.90 -5.80
CA LYS A 314 -20.52 3.87 -5.21
C LYS A 314 -20.00 2.89 -6.30
N TYR A 315 -20.81 2.64 -7.37
CA TYR A 315 -20.46 1.80 -8.52
C TYR A 315 -19.35 2.47 -9.32
N LEU A 316 -19.58 3.75 -9.71
CA LEU A 316 -18.64 4.56 -10.48
C LEU A 316 -17.32 4.72 -9.74
N ALA A 317 -17.37 4.67 -8.38
CA ALA A 317 -16.20 4.73 -7.51
C ALA A 317 -15.36 3.46 -7.63
N ALA A 318 -16.01 2.27 -7.61
CA ALA A 318 -15.37 0.96 -7.70
C ALA A 318 -14.52 0.80 -8.98
N ARG A 319 -15.07 1.29 -10.12
CA ARG A 319 -14.49 1.27 -11.48
C ARG A 319 -13.15 1.99 -11.57
N GLU A 320 -12.88 2.92 -10.63
CA GLU A 320 -11.66 3.73 -10.56
C GLU A 320 -10.47 2.97 -9.96
N ARG A 321 -10.70 1.74 -9.42
CA ARG A 321 -9.72 0.83 -8.79
C ARG A 321 -8.64 1.62 -8.00
N LYS A 322 -9.05 2.28 -6.92
CA LYS A 322 -8.21 3.07 -6.02
C LYS A 322 -7.07 2.21 -5.41
N ALA A 323 -7.33 0.93 -5.05
CA ALA A 323 -6.32 0.06 -4.43
C ALA A 323 -5.13 -0.23 -5.38
N THR A 324 -5.41 -0.57 -6.65
CA THR A 324 -4.32 -0.84 -7.61
C THR A 324 -3.67 0.48 -8.02
N LYS A 325 -4.48 1.55 -8.21
CA LYS A 325 -4.00 2.89 -8.57
C LYS A 325 -2.97 3.37 -7.56
N THR A 326 -3.28 3.24 -6.26
CA THR A 326 -2.37 3.70 -5.19
C THR A 326 -1.16 2.77 -5.04
N LEU A 327 -1.31 1.45 -5.31
CA LEU A 327 -0.18 0.52 -5.28
C LEU A 327 0.79 0.85 -6.42
N GLY A 328 0.25 1.37 -7.53
CA GLY A 328 1.02 1.84 -8.66
C GLY A 328 1.87 3.05 -8.31
N ILE A 329 1.29 4.01 -7.55
CA ILE A 329 1.97 5.24 -7.09
C ILE A 329 3.10 4.87 -6.12
N ILE A 330 2.88 3.88 -5.22
CA ILE A 330 3.89 3.35 -4.29
C ILE A 330 4.99 2.67 -5.11
N LEU A 331 4.64 1.77 -6.05
CA LEU A 331 5.59 1.07 -6.93
C LEU A 331 6.45 2.13 -7.65
N GLY A 332 5.77 3.09 -8.28
CA GLY A 332 6.43 4.20 -8.98
C GLY A 332 7.37 4.98 -8.08
N ALA A 333 6.90 5.38 -6.88
CA ALA A 333 7.66 6.12 -5.87
C ALA A 333 8.87 5.32 -5.38
N PHE A 334 8.75 3.99 -5.28
CA PHE A 334 9.82 3.11 -4.82
C PHE A 334 10.95 3.02 -5.85
N ILE A 335 10.59 2.81 -7.14
CA ILE A 335 11.59 2.73 -8.21
C ILE A 335 12.32 4.06 -8.34
N VAL A 336 11.59 5.18 -8.51
CA VAL A 336 12.17 6.51 -8.69
C VAL A 336 13.06 6.94 -7.49
N CYS A 337 12.88 6.33 -6.29
CA CYS A 337 13.65 6.67 -5.10
C CYS A 337 14.90 5.80 -4.94
N TRP A 338 14.78 4.47 -5.14
CA TRP A 338 15.87 3.53 -4.90
C TRP A 338 16.62 3.03 -6.14
N LEU A 339 16.00 3.01 -7.34
CA LEU A 339 16.70 2.55 -8.55
C LEU A 339 17.99 3.36 -8.79
N PRO A 340 18.03 4.72 -8.68
CA PRO A 340 19.30 5.41 -8.91
C PRO A 340 20.39 4.96 -7.94
N PHE A 341 20.07 4.84 -6.63
CA PHE A 341 21.03 4.42 -5.62
C PHE A 341 21.66 3.05 -5.94
N PHE A 342 20.81 2.02 -6.11
CA PHE A 342 21.30 0.65 -6.35
C PHE A 342 21.94 0.47 -7.73
N ILE A 343 21.66 1.38 -8.70
CA ILE A 343 22.32 1.34 -10.00
C ILE A 343 23.75 1.85 -9.83
N ILE A 344 23.91 3.00 -9.14
CA ILE A 344 25.22 3.63 -8.85
C ILE A 344 26.03 2.71 -7.93
N SER A 345 25.37 2.05 -6.98
CA SER A 345 25.97 1.13 -6.03
C SER A 345 26.64 -0.05 -6.71
N LEU A 346 26.15 -0.46 -7.91
CA LEU A 346 26.73 -1.55 -8.69
C LEU A 346 27.77 -1.08 -9.70
N VAL A 347 27.60 0.12 -10.28
CA VAL A 347 28.54 0.66 -11.27
C VAL A 347 29.75 1.35 -10.59
N MET A 348 29.63 1.69 -9.28
CA MET A 348 30.68 2.35 -8.48
C MET A 348 31.94 1.44 -8.39
N PRO A 349 31.86 0.10 -8.07
CA PRO A 349 33.10 -0.71 -8.06
C PRO A 349 33.81 -0.70 -9.42
N ILE A 350 33.05 -0.91 -10.53
CA ILE A 350 33.52 -0.92 -11.93
C ILE A 350 34.12 0.46 -12.29
N TRP A 356 32.82 8.72 -14.60
CA TRP A 356 31.63 9.05 -13.80
C TRP A 356 31.85 10.29 -12.92
N PHE A 357 30.74 10.92 -12.49
CA PHE A 357 30.70 12.14 -11.66
C PHE A 357 31.24 11.93 -10.22
N HIS A 358 31.18 12.99 -9.37
CA HIS A 358 31.70 12.95 -8.01
C HIS A 358 30.71 12.34 -6.98
N LEU A 359 31.17 12.28 -5.71
CA LEU A 359 30.54 11.72 -4.51
C LEU A 359 29.24 12.44 -4.09
N ALA A 360 28.93 13.60 -4.71
CA ALA A 360 27.72 14.38 -4.45
C ALA A 360 26.47 13.65 -4.96
N ILE A 361 26.62 12.91 -6.06
CA ILE A 361 25.53 12.16 -6.68
C ILE A 361 25.24 10.91 -5.82
N PHE A 362 26.22 10.43 -5.01
CA PHE A 362 26.00 9.29 -4.12
C PHE A 362 25.22 9.78 -2.91
N ASP A 363 25.61 10.95 -2.37
CA ASP A 363 24.95 11.62 -1.27
C ASP A 363 23.50 11.96 -1.63
N PHE A 364 23.25 12.42 -2.88
CA PHE A 364 21.92 12.78 -3.35
C PHE A 364 21.02 11.57 -3.47
N PHE A 365 21.54 10.48 -4.05
CA PHE A 365 20.79 9.25 -4.26
C PHE A 365 20.55 8.49 -2.94
N THR A 366 21.42 8.61 -1.92
CA THR A 366 21.15 7.98 -0.61
C THR A 366 19.94 8.64 0.03
N TRP A 367 19.92 9.99 -0.01
CA TRP A 367 18.85 10.80 0.56
C TRP A 367 17.53 10.61 -0.24
N LEU A 368 17.63 10.28 -1.54
CA LEU A 368 16.50 9.98 -2.42
C LEU A 368 15.79 8.71 -1.92
N GLY A 369 16.56 7.73 -1.46
CA GLY A 369 16.05 6.50 -0.87
C GLY A 369 15.46 6.78 0.50
N TYR A 370 16.12 7.69 1.26
CA TYR A 370 15.64 8.11 2.58
C TYR A 370 14.28 8.78 2.48
N LEU A 371 14.11 9.66 1.47
CA LEU A 371 12.87 10.40 1.17
C LEU A 371 11.66 9.47 0.97
N ASN A 372 11.90 8.22 0.52
CA ASN A 372 10.86 7.22 0.31
C ASN A 372 10.16 6.84 1.63
N SER A 373 10.83 7.08 2.77
CA SER A 373 10.30 6.81 4.10
C SER A 373 9.28 7.90 4.50
N LEU A 374 9.27 9.02 3.76
CA LEU A 374 8.38 10.16 3.98
C LEU A 374 7.25 10.15 2.94
N ILE A 375 7.58 9.81 1.67
CA ILE A 375 6.63 9.78 0.55
C ILE A 375 5.53 8.73 0.84
N ASN A 376 5.92 7.50 1.18
CA ASN A 376 5.02 6.36 1.48
C ASN A 376 3.92 6.73 2.51
N PRO A 377 4.21 7.26 3.75
CA PRO A 377 3.12 7.63 4.66
C PRO A 377 2.27 8.80 4.16
N ILE A 378 2.79 9.69 3.30
CA ILE A 378 1.92 10.77 2.80
C ILE A 378 1.00 10.22 1.70
N ILE A 379 1.45 9.20 0.91
CA ILE A 379 0.65 8.58 -0.16
C ILE A 379 -0.55 7.84 0.47
N TYR A 380 -0.33 7.10 1.58
CA TYR A 380 -1.37 6.36 2.27
C TYR A 380 -2.37 7.27 2.92
N THR A 381 -1.92 8.35 3.56
CA THR A 381 -2.86 9.23 4.26
C THR A 381 -3.63 10.12 3.29
N MET A 382 -3.19 10.23 2.04
CA MET A 382 -3.91 11.05 1.07
C MET A 382 -4.92 10.20 0.29
N SER A 383 -4.61 8.89 0.15
CA SER A 383 -5.35 7.89 -0.60
C SER A 383 -6.33 7.08 0.28
N ASN A 384 -5.85 6.51 1.40
CA ASN A 384 -6.71 5.73 2.30
C ASN A 384 -7.59 6.71 3.10
N GLU A 385 -8.92 6.58 3.00
CA GLU A 385 -9.87 7.49 3.66
C GLU A 385 -9.87 7.36 5.19
N ASP A 386 -9.45 6.19 5.74
CA ASP A 386 -9.36 6.01 7.19
C ASP A 386 -8.24 6.88 7.73
N PHE A 387 -7.06 6.85 7.05
CA PHE A 387 -5.90 7.66 7.41
C PHE A 387 -6.12 9.14 7.09
N LYS A 388 -6.88 9.44 6.00
CA LYS A 388 -7.21 10.80 5.57
C LYS A 388 -8.05 11.52 6.64
N GLN A 389 -9.17 10.88 7.09
CA GLN A 389 -10.09 11.40 8.10
C GLN A 389 -9.39 11.55 9.47
N ALA A 390 -8.41 10.65 9.77
CA ALA A 390 -7.62 10.69 11.00
C ALA A 390 -6.75 11.93 11.02
N PHE A 391 -6.19 12.30 9.85
CA PHE A 391 -5.35 13.48 9.68
C PHE A 391 -6.18 14.74 9.86
N HIS A 392 -7.33 14.82 9.16
CA HIS A 392 -8.29 15.93 9.24
C HIS A 392 -8.72 16.17 10.69
N LYS A 393 -8.89 15.08 11.47
CA LYS A 393 -9.21 15.15 12.90
C LYS A 393 -8.02 15.78 13.66
N LEU A 394 -6.78 15.27 13.42
CA LEU A 394 -5.53 15.71 14.04
C LEU A 394 -5.31 17.22 13.90
N ILE A 395 -5.48 17.78 12.68
CA ILE A 395 -5.30 19.22 12.44
C ILE A 395 -6.62 20.04 12.64
N ARG A 396 -7.71 19.38 13.12
CA ARG A 396 -9.06 19.95 13.37
C ARG A 396 -9.62 20.65 12.12
N PHE A 397 -9.56 19.94 10.97
CA PHE A 397 -10.06 20.37 9.66
C PHE A 397 -11.29 19.53 9.24
N LYS A 398 -12.37 20.19 8.78
CA LYS A 398 -13.58 19.48 8.35
C LYS A 398 -13.76 19.57 6.83
C1 ERM B . 19.54 -1.28 2.09
N1 ERM B . 20.13 -2.41 1.64
O1 ERM B . 25.48 4.30 0.87
C10 ERM B . 23.85 -0.87 0.74
C11 ERM B . 23.70 -2.25 0.46
C12 ERM B . 22.46 -2.90 0.74
C13 ERM B . 21.44 -2.15 1.26
C14 ERM B . 21.59 -0.78 1.53
C15 ERM B . 20.51 4.40 1.73
C16 ERM B . 25.31 4.09 2.06
C17 ERM B . 27.45 5.19 2.77
C18 ERM B . 28.44 4.42 1.94
C19 ERM B . 29.56 4.81 -0.20
N2 ERM B . 21.50 3.47 2.33
C2 ERM B . 20.40 -0.23 2.04
O2 ERM B . 27.25 6.40 2.03
C20 ERM B . 30.26 6.07 -0.72
C21 ERM B . 30.38 8.56 -0.82
C22 ERM B . 29.24 9.56 -0.84
C23 ERM B . 28.10 8.93 0.00
C24 ERM B . 28.75 7.62 0.50
C25 ERM B . 27.85 6.41 0.74
C26 ERM B . 27.98 5.44 4.17
C27 ERM B . 28.93 4.08 -1.37
C28 ERM B . 28.48 2.66 -1.12
C29 ERM B . 27.15 2.30 -1.42
C3 ERM B . 20.34 1.22 2.43
N3 ERM B . 26.20 4.47 3.01
O3 ERM B . 28.99 3.38 2.25
C30 ERM B . 26.69 0.99 -1.22
C31 ERM B . 27.59 0.01 -0.75
C32 ERM B . 28.92 0.36 -0.49
C33 ERM B . 29.39 1.68 -0.65
C4 ERM B . 21.44 2.07 1.72
N4 ERM B . 28.62 5.17 0.84
O4 ERM B . 31.21 5.97 -1.51
C5 ERM B . 22.80 4.22 2.21
N5 ERM B . 29.82 7.29 -0.40
O5 ERM B . 26.88 6.30 -0.24
C6 ERM B . 24.02 3.38 2.55
C7 ERM B . 23.93 1.94 2.12
C8 ERM B . 22.81 1.38 1.66
C9 ERM B . 22.81 -0.09 1.27
C1 OLB C . 1.81 11.88 -3.98
C2 OLB C . 3.03 12.02 -3.07
C3 OLB C . 3.96 13.23 -3.25
C4 OLB C . 5.32 13.22 -2.55
C5 OLB C . 5.89 14.57 -2.13
O19 OLB C . 1.98 11.94 -5.20
O20 OLB C . 0.61 11.35 -3.44
C21 OLB C . -0.66 11.65 -3.99
C22 OLB C . -1.70 10.57 -3.95
O23 OLB C . -1.84 10.09 -2.66
C24 OLB C . -3.02 11.09 -4.46
O25 OLB C . -4.15 10.32 -4.25
C6 OLB C . 6.81 14.63 -0.91
C7 OLB C . 7.89 15.69 -0.89
#